data_6ZW9
#
_entry.id   6ZW9
#
_cell.length_a   136.165
_cell.length_b   85.519
_cell.length_c   39.576
_cell.angle_alpha   90
_cell.angle_beta   94.01
_cell.angle_gamma   90
#
_symmetry.space_group_name_H-M   'C 1 2 1'
#
loop_
_entity.id
_entity.type
_entity.pdbx_description
1 polymer 'DUF523 domain-containing protein'
2 non-polymer 'IRON/SULFUR CLUSTER'
3 non-polymer 1,2-ETHANEDIOL
4 non-polymer 'HYDROSULFURIC ACID'
5 non-polymer DI(HYDROXYETHYL)ETHER
6 water water
#
_entity_poly.entity_id   1
_entity_poly.type   'polypeptide(L)'
_entity_poly.pdbx_seq_one_letter_code
;MKEKIIVSACLLGQPVRYDGQSKGIVSNWLDALGAEGRALAFCPEVAGGLPTPRPPAERQGEHVVTESGLDVTAEFDRGA
ELALGLCLAQGIRFALLKEGSPSCGSGRIYNGRFEGVSMAGEGKTTALLRRHGIQVFSEDQLPELALALSLVATAAGSLE
HHHHHH
;
_entity_poly.pdbx_strand_id   A,B
#
# COMPACT_ATOMS: atom_id res chain seq x y z
N GLU A 3 21.75 -5.49 15.43
CA GLU A 3 20.61 -5.26 14.53
C GLU A 3 20.87 -4.16 13.51
N LYS A 4 20.18 -4.23 12.39
CA LYS A 4 20.33 -3.26 11.31
C LYS A 4 19.18 -2.25 11.32
N ILE A 5 19.38 -1.12 10.66
CA ILE A 5 18.34 -0.12 10.51
C ILE A 5 18.21 0.24 9.03
N ILE A 6 17.03 0.76 8.64
CA ILE A 6 16.84 1.27 7.30
C ILE A 6 17.03 2.79 7.43
N VAL A 7 17.72 3.41 6.46
CA VAL A 7 18.02 4.84 6.54
CA VAL A 7 18.00 4.83 6.54
C VAL A 7 17.70 5.51 5.21
N SER A 8 17.05 6.69 5.25
CA SER A 8 16.79 7.48 4.02
C SER A 8 18.15 7.71 3.32
N ALA A 9 18.26 7.29 2.06
CA ALA A 9 19.55 7.37 1.35
C ALA A 9 20.18 8.76 1.33
N CYS A 10 19.34 9.80 1.33
CA CYS A 10 19.84 11.19 1.34
C CYS A 10 20.59 11.51 2.65
N LEU A 11 20.15 10.94 3.78
CA LEU A 11 20.83 11.15 5.06
C LEU A 11 22.25 10.53 5.07
N LEU A 12 22.49 9.56 4.21
CA LEU A 12 23.82 8.97 4.03
C LEU A 12 24.66 9.69 2.95
N GLY A 13 24.21 10.84 2.45
CA GLY A 13 24.94 11.64 1.48
C GLY A 13 24.70 11.27 0.03
N GLN A 14 23.74 10.37 -0.24
CA GLN A 14 23.44 10.01 -1.63
C GLN A 14 22.63 11.13 -2.29
N PRO A 15 22.98 11.47 -3.55
CA PRO A 15 22.31 12.60 -4.21
C PRO A 15 20.98 12.22 -4.83
N VAL A 16 20.08 11.69 -4.03
CA VAL A 16 18.79 11.21 -4.52
C VAL A 16 17.62 12.15 -4.19
N ARG A 17 17.87 13.30 -3.55
CA ARG A 17 16.81 14.26 -3.23
C ARG A 17 16.13 14.76 -4.50
N TYR A 18 14.92 15.31 -4.38
CA TYR A 18 14.18 15.79 -5.54
C TYR A 18 14.99 16.83 -6.36
N ASP A 19 15.84 17.60 -5.69
CA ASP A 19 16.67 18.61 -6.41
C ASP A 19 18.08 18.13 -6.75
N GLY A 20 18.32 16.83 -6.62
CA GLY A 20 19.64 16.25 -6.86
C GLY A 20 20.61 16.49 -5.70
N GLN A 21 20.17 17.15 -4.60
CA GLN A 21 21.06 17.38 -3.44
C GLN A 21 21.09 16.10 -2.55
N SER A 22 21.92 16.14 -1.51
CA SER A 22 21.99 15.12 -0.50
C SER A 22 21.71 15.80 0.85
N LYS A 23 21.42 15.01 1.89
CA LYS A 23 21.16 15.55 3.23
C LYS A 23 22.05 14.80 4.21
N GLY A 24 23.32 14.62 3.84
CA GLY A 24 24.27 13.88 4.66
C GLY A 24 24.44 14.53 6.00
N ILE A 25 24.27 13.74 7.05
CA ILE A 25 24.39 14.27 8.39
C ILE A 25 25.73 13.94 9.00
N VAL A 26 26.17 14.81 9.88
CA VAL A 26 27.42 14.64 10.57
C VAL A 26 27.09 13.88 11.85
N SER A 27 27.54 12.64 11.91
CA SER A 27 27.27 11.79 13.05
C SER A 27 28.30 10.69 13.13
N ASN A 28 29.10 10.69 14.21
CA ASN A 28 30.07 9.62 14.43
C ASN A 28 29.35 8.27 14.60
N TRP A 29 28.22 8.29 15.32
CA TRP A 29 27.44 7.08 15.54
C TRP A 29 26.94 6.49 14.22
N LEU A 30 26.37 7.32 13.34
CA LEU A 30 25.83 6.83 12.06
C LEU A 30 26.96 6.33 11.16
N ASP A 31 28.10 7.03 11.16
CA ASP A 31 29.27 6.61 10.38
C ASP A 31 29.72 5.22 10.83
N ALA A 32 29.80 5.01 12.16
CA ALA A 32 30.23 3.73 12.72
C ALA A 32 29.24 2.63 12.38
N LEU A 33 27.93 2.93 12.43
CA LEU A 33 26.90 1.95 12.09
C LEU A 33 27.04 1.50 10.63
N GLY A 34 27.27 2.46 9.73
CA GLY A 34 27.46 2.17 8.32
C GLY A 34 28.70 1.36 8.07
N ALA A 35 29.80 1.67 8.80
CA ALA A 35 31.06 0.92 8.71
C ALA A 35 30.88 -0.55 9.11
N GLU A 36 29.92 -0.84 10.00
CA GLU A 36 29.60 -2.21 10.41
C GLU A 36 28.60 -2.92 9.47
N GLY A 37 28.18 -2.25 8.40
CA GLY A 37 27.21 -2.80 7.46
C GLY A 37 25.80 -2.84 8.01
N ARG A 38 25.50 -2.02 9.04
CA ARG A 38 24.18 -2.06 9.68
C ARG A 38 23.22 -0.91 9.32
N ALA A 39 23.61 -0.02 8.38
CA ALA A 39 22.73 1.10 7.99
C ALA A 39 22.37 0.91 6.52
N LEU A 40 21.22 0.31 6.23
CA LEU A 40 20.82 0.02 4.86
C LEU A 40 20.14 1.20 4.22
N ALA A 41 20.76 1.71 3.18
CA ALA A 41 20.26 2.88 2.46
C ALA A 41 19.00 2.54 1.68
N PHE A 42 18.03 3.46 1.70
CA PHE A 42 16.81 3.27 0.93
C PHE A 42 16.18 4.60 0.61
N CYS A 43 15.74 4.77 -0.65
CA CYS A 43 15.02 6.00 -1.02
C CYS A 43 13.69 5.55 -1.60
N PRO A 44 12.60 5.76 -0.87
CA PRO A 44 11.28 5.34 -1.37
C PRO A 44 10.88 5.93 -2.73
N GLU A 45 11.25 7.19 -3.01
CA GLU A 45 10.83 7.81 -4.26
C GLU A 45 11.56 7.21 -5.45
N VAL A 46 12.87 7.01 -5.31
CA VAL A 46 13.63 6.36 -6.39
C VAL A 46 13.20 4.90 -6.54
N ALA A 47 13.01 4.19 -5.42
CA ALA A 47 12.55 2.79 -5.47
C ALA A 47 11.18 2.67 -6.15
N GLY A 48 10.33 3.67 -5.92
CA GLY A 48 8.99 3.74 -6.49
C GLY A 48 8.94 4.10 -7.97
N GLY A 49 10.11 4.40 -8.57
CA GLY A 49 10.22 4.70 -10.02
C GLY A 49 10.31 6.16 -10.41
N LEU A 50 10.45 7.08 -9.42
CA LEU A 50 10.55 8.50 -9.74
C LEU A 50 11.99 8.86 -10.12
N PRO A 51 12.14 9.87 -11.01
CA PRO A 51 13.49 10.25 -11.47
C PRO A 51 14.20 11.19 -10.48
N THR A 52 15.48 11.52 -10.77
CA THR A 52 16.23 12.47 -9.96
C THR A 52 16.94 13.39 -10.95
N PRO A 53 16.60 14.68 -11.03
CA PRO A 53 15.65 15.42 -10.19
C PRO A 53 14.18 15.09 -10.48
N ARG A 54 13.31 15.56 -9.62
CA ARG A 54 11.87 15.39 -9.78
C ARG A 54 11.19 16.59 -9.09
N PRO A 55 9.99 16.97 -9.54
CA PRO A 55 9.35 18.15 -8.95
C PRO A 55 9.02 17.92 -7.49
N PRO A 56 9.01 18.99 -6.67
CA PRO A 56 8.56 18.83 -5.28
C PRO A 56 7.12 18.33 -5.24
N ALA A 57 6.82 17.50 -4.25
CA ALA A 57 5.47 16.97 -4.11
C ALA A 57 5.03 17.10 -2.67
N GLU A 58 3.71 17.20 -2.46
CA GLU A 58 3.17 17.31 -1.12
C GLU A 58 1.97 16.38 -1.01
N ARG A 59 1.74 15.88 0.22
CA ARG A 59 0.57 15.05 0.46
C ARG A 59 -0.67 15.95 0.47
N GLN A 60 -1.78 15.39 0.03
CA GLN A 60 -3.11 15.99 0.11
C GLN A 60 -3.93 14.81 0.57
N GLY A 61 -3.84 14.55 1.88
CA GLY A 61 -4.44 13.39 2.52
C GLY A 61 -3.76 12.12 2.02
N GLU A 62 -4.55 11.22 1.40
CA GLU A 62 -4.05 9.97 0.84
C GLU A 62 -3.29 10.17 -0.48
N HIS A 63 -3.55 11.27 -1.19
CA HIS A 63 -2.90 11.53 -2.48
C HIS A 63 -1.55 12.21 -2.25
N VAL A 64 -0.67 12.12 -3.25
CA VAL A 64 0.61 12.83 -3.25
C VAL A 64 0.66 13.46 -4.65
N VAL A 65 0.77 14.79 -4.70
CA VAL A 65 0.75 15.50 -5.98
C VAL A 65 1.89 16.49 -6.11
N THR A 66 2.20 16.89 -7.36
CA THR A 66 3.16 17.96 -7.58
C THR A 66 2.34 19.28 -7.68
N GLU A 67 3.04 20.44 -7.69
CA GLU A 67 2.35 21.72 -7.80
C GLU A 67 1.53 21.84 -9.09
N SER A 68 1.98 21.20 -10.17
CA SER A 68 1.24 21.23 -11.44
C SER A 68 -0.02 20.35 -11.44
N GLY A 69 -0.22 19.56 -10.39
CA GLY A 69 -1.38 18.67 -10.30
C GLY A 69 -1.11 17.22 -10.70
N LEU A 70 0.13 16.89 -11.09
N LEU A 70 0.12 16.88 -11.08
CA LEU A 70 0.46 15.51 -11.46
CA LEU A 70 0.45 15.50 -11.46
C LEU A 70 0.32 14.62 -10.20
C LEU A 70 0.35 14.61 -10.22
N ASP A 71 -0.43 13.51 -10.32
CA ASP A 71 -0.63 12.63 -9.17
C ASP A 71 0.45 11.55 -9.16
N VAL A 72 1.32 11.59 -8.14
CA VAL A 72 2.40 10.61 -7.98
C VAL A 72 2.16 9.63 -6.84
N THR A 73 0.90 9.50 -6.38
CA THR A 73 0.58 8.58 -5.28
C THR A 73 1.02 7.15 -5.59
N ALA A 74 0.85 6.69 -6.83
CA ALA A 74 1.24 5.32 -7.20
C ALA A 74 2.70 4.99 -6.86
N GLU A 75 3.61 5.92 -7.21
CA GLU A 75 5.04 5.77 -6.99
C GLU A 75 5.37 5.87 -5.51
N PHE A 76 4.72 6.80 -4.80
CA PHE A 76 4.94 6.98 -3.36
C PHE A 76 4.52 5.72 -2.60
N ASP A 77 3.34 5.15 -2.97
CA ASP A 77 2.85 3.96 -2.31
C ASP A 77 3.72 2.75 -2.62
N ARG A 78 4.20 2.65 -3.88
CA ARG A 78 5.10 1.55 -4.24
C ARG A 78 6.40 1.64 -3.43
N GLY A 79 6.97 2.83 -3.33
CA GLY A 79 8.19 3.03 -2.56
C GLY A 79 8.02 2.68 -1.08
N ALA A 80 6.85 3.06 -0.49
CA ALA A 80 6.55 2.74 0.90
C ALA A 80 6.48 1.21 1.07
N GLU A 81 5.76 0.51 0.17
N GLU A 81 5.76 0.52 0.18
CA GLU A 81 5.67 -0.96 0.28
CA GLU A 81 5.62 -0.93 0.25
C GLU A 81 7.05 -1.59 0.18
C GLU A 81 6.98 -1.64 0.10
N LEU A 82 7.88 -1.09 -0.74
CA LEU A 82 9.23 -1.65 -0.92
C LEU A 82 10.09 -1.43 0.34
N ALA A 83 9.90 -0.27 1.04
CA ALA A 83 10.65 -0.03 2.30
C ALA A 83 10.21 -1.08 3.33
N LEU A 84 8.90 -1.32 3.42
CA LEU A 84 8.37 -2.33 4.34
C LEU A 84 8.90 -3.72 3.99
N GLY A 85 8.94 -4.06 2.70
CA GLY A 85 9.42 -5.34 2.21
C GLY A 85 10.88 -5.57 2.58
N LEU A 86 11.71 -4.53 2.48
CA LEU A 86 13.12 -4.64 2.84
C LEU A 86 13.24 -4.85 4.36
N CYS A 87 12.45 -4.12 5.18
CA CYS A 87 12.49 -4.29 6.63
C CYS A 87 12.06 -5.70 7.03
N LEU A 88 10.99 -6.20 6.44
CA LEU A 88 10.50 -7.55 6.76
C LEU A 88 11.53 -8.61 6.37
N ALA A 89 12.13 -8.47 5.17
CA ALA A 89 13.13 -9.44 4.71
C ALA A 89 14.39 -9.42 5.57
N GLN A 90 14.82 -8.23 6.00
CA GLN A 90 16.06 -8.07 6.77
C GLN A 90 15.89 -8.12 8.29
N GLY A 91 14.66 -8.26 8.76
CA GLY A 91 14.38 -8.27 10.20
C GLY A 91 14.61 -6.93 10.86
N ILE A 92 14.38 -5.83 10.12
CA ILE A 92 14.58 -4.48 10.62
C ILE A 92 13.37 -3.93 11.36
N ARG A 93 13.60 -3.38 12.56
CA ARG A 93 12.51 -2.78 13.32
C ARG A 93 12.75 -1.31 13.69
N PHE A 94 13.82 -0.68 13.13
CA PHE A 94 14.09 0.74 13.35
C PHE A 94 14.40 1.40 12.02
N ALA A 95 13.89 2.61 11.84
CA ALA A 95 14.15 3.41 10.64
C ALA A 95 14.62 4.79 11.02
N LEU A 96 15.56 5.33 10.26
CA LEU A 96 16.05 6.69 10.42
C LEU A 96 15.68 7.38 9.12
N LEU A 97 14.61 8.16 9.13
CA LEU A 97 14.12 8.78 7.91
C LEU A 97 14.17 10.31 7.94
N LYS A 98 14.32 10.93 6.76
CA LYS A 98 14.44 12.37 6.60
C LYS A 98 13.17 13.15 6.98
N GLU A 99 13.32 14.11 7.89
CA GLU A 99 12.19 14.92 8.35
C GLU A 99 11.60 15.83 7.25
N GLY A 100 10.29 16.06 7.30
CA GLY A 100 9.57 16.98 6.42
C GLY A 100 9.13 16.45 5.07
N SER A 101 9.65 15.27 4.67
CA SER A 101 9.40 14.70 3.35
C SER A 101 7.99 14.08 3.22
N PRO A 102 7.39 14.15 2.02
CA PRO A 102 6.09 13.49 1.81
C PRO A 102 6.20 11.94 1.83
N SER A 103 7.43 11.40 1.79
CA SER A 103 7.69 9.97 1.94
C SER A 103 8.22 9.70 3.36
N CYS A 104 9.29 10.41 3.74
CA CYS A 104 10.11 10.12 4.90
C CYS A 104 9.82 10.94 6.18
N GLY A 105 9.01 11.99 6.09
CA GLY A 105 8.67 12.83 7.25
C GLY A 105 8.08 12.02 8.39
N SER A 106 8.39 12.35 9.63
CA SER A 106 7.88 11.58 10.77
C SER A 106 7.19 12.46 11.82
N GLY A 107 7.62 13.70 11.95
CA GLY A 107 6.99 14.66 12.85
C GLY A 107 6.31 15.79 12.10
N ARG A 108 6.80 16.11 10.88
CA ARG A 108 6.21 17.18 10.10
C ARG A 108 6.28 16.91 8.61
N ILE A 109 5.33 17.50 7.89
CA ILE A 109 5.25 17.47 6.43
C ILE A 109 4.72 18.83 5.96
N TYR A 110 4.93 19.13 4.67
CA TYR A 110 4.33 20.33 4.08
C TYR A 110 2.83 20.11 3.94
N ASN A 111 2.05 21.20 4.07
CA ASN A 111 0.60 21.10 4.20
C ASN A 111 -0.22 20.84 2.92
N GLY A 112 0.41 20.59 1.78
CA GLY A 112 -0.34 20.31 0.55
C GLY A 112 -0.78 21.54 -0.23
N ARG A 113 -0.51 22.74 0.30
CA ARG A 113 -0.89 23.97 -0.40
C ARG A 113 0.24 24.62 -1.18
N PHE A 114 1.45 24.01 -1.19
CA PHE A 114 2.62 24.51 -1.92
C PHE A 114 2.91 25.96 -1.57
N GLU A 115 2.97 26.26 -0.27
CA GLU A 115 3.21 27.61 0.22
C GLU A 115 4.30 27.68 1.31
N GLY A 116 5.15 26.65 1.40
CA GLY A 116 6.24 26.58 2.37
C GLY A 116 5.78 26.46 3.81
N VAL A 117 4.56 25.97 4.03
CA VAL A 117 4.00 25.85 5.37
C VAL A 117 3.99 24.39 5.84
N SER A 118 4.66 24.11 6.95
CA SER A 118 4.68 22.78 7.52
C SER A 118 3.57 22.59 8.54
N MET A 119 3.22 21.34 8.80
CA MET A 119 2.23 20.98 9.78
C MET A 119 2.66 19.64 10.40
N ALA A 120 2.03 19.27 11.53
CA ALA A 120 2.33 17.99 12.16
C ALA A 120 1.81 16.88 11.24
N GLY A 121 2.62 15.85 11.06
CA GLY A 121 2.22 14.74 10.21
C GLY A 121 3.37 13.82 9.85
N GLU A 122 3.12 12.90 8.94
CA GLU A 122 4.14 11.96 8.52
C GLU A 122 4.03 11.63 7.04
N GLY A 123 5.14 11.21 6.46
CA GLY A 123 5.19 10.81 5.06
C GLY A 123 4.57 9.44 4.86
N LYS A 124 4.34 9.08 3.60
CA LYS A 124 3.76 7.78 3.23
C LYS A 124 4.56 6.58 3.73
N THR A 125 5.89 6.64 3.60
CA THR A 125 6.73 5.52 4.01
C THR A 125 6.73 5.42 5.54
N THR A 126 6.90 6.54 6.25
CA THR A 126 6.85 6.54 7.72
C THR A 126 5.54 5.96 8.24
N ALA A 127 4.42 6.42 7.65
CA ALA A 127 3.08 5.94 8.06
C ALA A 127 2.95 4.43 7.93
N LEU A 128 3.40 3.86 6.80
CA LEU A 128 3.30 2.42 6.58
C LEU A 128 4.18 1.63 7.53
N LEU A 129 5.44 2.08 7.71
CA LEU A 129 6.36 1.39 8.62
C LEU A 129 5.82 1.40 10.06
N ARG A 130 5.31 2.54 10.52
CA ARG A 130 4.75 2.64 11.87
C ARG A 130 3.53 1.71 12.04
N ARG A 131 2.67 1.63 11.02
CA ARG A 131 1.52 0.72 11.04
C ARG A 131 1.94 -0.75 11.19
N HIS A 132 3.16 -1.10 10.77
CA HIS A 132 3.67 -2.46 10.88
C HIS A 132 4.66 -2.66 12.04
N GLY A 133 4.63 -1.78 13.03
CA GLY A 133 5.44 -1.92 14.24
C GLY A 133 6.88 -1.49 14.16
N ILE A 134 7.27 -0.83 13.04
CA ILE A 134 8.65 -0.36 12.90
C ILE A 134 8.74 1.06 13.48
N GLN A 135 9.71 1.29 14.37
CA GLN A 135 9.85 2.60 15.00
C GLN A 135 10.62 3.51 14.06
N VAL A 136 10.07 4.69 13.77
CA VAL A 136 10.72 5.63 12.88
C VAL A 136 11.20 6.85 13.66
N PHE A 137 12.46 7.21 13.44
CA PHE A 137 13.08 8.36 14.05
C PHE A 137 13.58 9.28 12.94
N SER A 138 13.63 10.58 13.20
CA SER A 138 14.18 11.52 12.22
C SER A 138 15.66 11.82 12.55
N GLU A 139 16.33 12.61 11.69
CA GLU A 139 17.71 13.03 11.92
C GLU A 139 17.84 13.97 13.16
N ASP A 140 16.71 14.48 13.69
CA ASP A 140 16.67 15.30 14.92
C ASP A 140 16.55 14.40 16.19
N GLN A 141 16.50 13.08 16.03
CA GLN A 141 16.34 12.13 17.14
C GLN A 141 17.43 11.06 17.16
N LEU A 142 18.65 11.41 16.72
CA LEU A 142 19.75 10.43 16.72
C LEU A 142 20.06 9.87 18.11
N PRO A 143 20.07 10.66 19.21
CA PRO A 143 20.37 10.04 20.53
C PRO A 143 19.33 8.99 20.90
N GLU A 144 18.04 9.30 20.62
CA GLU A 144 16.91 8.43 20.92
C GLU A 144 17.00 7.12 20.10
N LEU A 145 17.29 7.23 18.81
CA LEU A 145 17.42 6.06 17.94
C LEU A 145 18.62 5.19 18.38
N ALA A 146 19.78 5.83 18.62
CA ALA A 146 20.98 5.12 19.06
C ALA A 146 20.74 4.36 20.35
N LEU A 147 19.99 4.96 21.27
CA LEU A 147 19.66 4.30 22.53
C LEU A 147 18.76 3.11 22.28
N ALA A 148 17.70 3.27 21.49
CA ALA A 148 16.74 2.20 21.20
C ALA A 148 17.44 0.99 20.60
N LEU A 149 18.37 1.24 19.67
CA LEU A 149 19.13 0.18 19.04
C LEU A 149 20.12 -0.51 20.03
N SER A 150 20.71 0.29 20.94
N SER A 150 20.72 0.28 20.94
CA SER A 150 21.67 -0.20 21.93
CA SER A 150 21.69 -0.23 21.91
C SER A 150 21.04 -1.12 22.99
C SER A 150 21.05 -1.11 22.98
N LEU A 151 19.76 -0.89 23.32
CA LEU A 151 19.06 -1.65 24.35
C LEU A 151 18.87 -3.12 24.01
N VAL A 152 18.80 -3.45 22.72
CA VAL A 152 18.60 -4.84 22.29
C VAL A 152 19.89 -5.56 21.87
N ALA A 153 21.06 -4.89 21.98
CA ALA A 153 22.36 -5.38 21.52
C ALA A 153 22.83 -6.72 22.05
N THR A 154 22.66 -6.98 23.36
CA THR A 154 23.17 -8.24 23.92
C THR A 154 22.19 -9.41 23.84
N ALA A 155 20.94 -9.17 23.41
CA ALA A 155 19.94 -10.23 23.31
C ALA A 155 20.22 -11.17 22.13
N LYS B 2 -12.19 -23.60 11.85
CA LYS B 2 -12.39 -23.49 10.42
C LYS B 2 -11.88 -22.14 9.90
N GLU B 3 -11.32 -22.15 8.71
CA GLU B 3 -10.75 -20.96 8.11
C GLU B 3 -11.81 -19.94 7.72
N LYS B 4 -11.52 -18.66 7.93
CA LYS B 4 -12.39 -17.59 7.46
C LYS B 4 -11.83 -17.09 6.12
N ILE B 5 -12.67 -16.38 5.37
CA ILE B 5 -12.24 -15.80 4.10
C ILE B 5 -12.73 -14.37 4.02
N ILE B 6 -11.95 -13.53 3.35
CA ILE B 6 -12.40 -12.18 3.02
C ILE B 6 -13.09 -12.34 1.66
N VAL B 7 -14.25 -11.70 1.49
CA VAL B 7 -15.04 -11.85 0.26
CA VAL B 7 -15.01 -11.84 0.25
C VAL B 7 -15.44 -10.51 -0.30
N SER B 8 -15.28 -10.30 -1.62
CA SER B 8 -15.74 -9.04 -2.27
C SER B 8 -17.24 -8.85 -1.93
N ALA B 9 -17.59 -7.74 -1.30
CA ALA B 9 -18.96 -7.51 -0.84
C ALA B 9 -20.01 -7.65 -1.94
N CYS B 10 -19.64 -7.31 -3.19
CA CYS B 10 -20.58 -7.44 -4.30
C CYS B 10 -20.96 -8.89 -4.57
N LEU B 11 -20.02 -9.84 -4.35
CA LEU B 11 -20.30 -11.29 -4.52
C LEU B 11 -21.35 -11.78 -3.51
N LEU B 12 -21.50 -11.09 -2.38
CA LEU B 12 -22.51 -11.41 -1.40
C LEU B 12 -23.85 -10.67 -1.66
N GLY B 13 -23.98 -9.98 -2.78
CA GLY B 13 -25.22 -9.27 -3.13
C GLY B 13 -25.31 -7.84 -2.64
N GLN B 14 -24.24 -7.32 -2.01
CA GLN B 14 -24.26 -5.95 -1.52
C GLN B 14 -24.12 -4.98 -2.68
N PRO B 15 -24.96 -3.92 -2.69
CA PRO B 15 -24.96 -2.97 -3.82
C PRO B 15 -23.81 -1.97 -3.78
N VAL B 16 -22.56 -2.49 -3.71
CA VAL B 16 -21.32 -1.69 -3.66
C VAL B 16 -20.66 -1.49 -5.03
N ARG B 17 -21.14 -2.18 -6.09
N ARG B 17 -21.16 -2.15 -6.08
CA ARG B 17 -20.58 -2.04 -7.44
CA ARG B 17 -20.62 -2.01 -7.43
C ARG B 17 -20.61 -0.58 -7.91
C ARG B 17 -20.61 -0.55 -7.90
N TYR B 18 -19.73 -0.22 -8.86
CA TYR B 18 -19.64 1.16 -9.37
C TYR B 18 -20.99 1.68 -9.91
N ASP B 19 -21.86 0.79 -10.40
CA ASP B 19 -23.19 1.19 -10.91
C ASP B 19 -24.32 1.05 -9.90
N GLY B 20 -24.00 0.80 -8.65
CA GLY B 20 -24.95 0.64 -7.59
C GLY B 20 -25.77 -0.64 -7.59
N GLN B 21 -25.58 -1.52 -8.57
N GLN B 21 -25.40 -1.61 -8.47
CA GLN B 21 -26.44 -2.70 -8.66
CA GLN B 21 -25.98 -2.97 -8.60
C GLN B 21 -26.11 -3.81 -7.67
C GLN B 21 -25.40 -3.93 -7.52
N SER B 22 -27.18 -4.44 -7.16
N SER B 22 -25.90 -5.19 -7.44
CA SER B 22 -27.05 -5.62 -6.31
CA SER B 22 -25.50 -6.14 -6.39
C SER B 22 -26.96 -6.76 -7.32
C SER B 22 -24.34 -7.13 -6.69
N LYS B 23 -25.83 -7.46 -7.36
N LYS B 23 -24.38 -7.91 -7.82
CA LYS B 23 -25.59 -8.53 -8.34
CA LYS B 23 -23.40 -8.95 -8.25
C LYS B 23 -24.65 -9.61 -7.81
C LYS B 23 -23.43 -10.26 -7.44
N GLY B 24 -25.11 -10.38 -6.83
N GLY B 24 -24.52 -10.48 -6.70
CA GLY B 24 -24.31 -11.42 -6.21
CA GLY B 24 -24.68 -11.64 -5.86
C GLY B 24 -24.29 -12.74 -6.93
C GLY B 24 -24.65 -12.95 -6.60
N ILE B 25 -23.62 -13.74 -6.36
CA ILE B 25 -23.52 -15.04 -6.99
C ILE B 25 -24.40 -16.05 -6.25
N VAL B 26 -24.81 -17.08 -6.94
CA VAL B 26 -25.66 -18.13 -6.37
C VAL B 26 -24.77 -19.28 -6.04
N SER B 27 -24.62 -19.56 -4.75
CA SER B 27 -23.75 -20.64 -4.30
C SER B 27 -24.24 -21.18 -2.98
N ASN B 28 -24.67 -22.46 -2.94
CA ASN B 28 -25.08 -23.07 -1.68
C ASN B 28 -23.86 -23.14 -0.73
N TRP B 29 -22.68 -23.46 -1.28
CA TRP B 29 -21.47 -23.56 -0.48
C TRP B 29 -21.14 -22.22 0.20
N LEU B 30 -21.16 -21.13 -0.56
CA LEU B 30 -20.84 -19.80 -0.01
C LEU B 30 -21.90 -19.36 0.99
N ASP B 31 -23.19 -19.67 0.72
CA ASP B 31 -24.27 -19.35 1.67
C ASP B 31 -24.04 -20.08 3.00
N ALA B 32 -23.63 -21.37 2.94
CA ALA B 32 -23.37 -22.15 4.15
C ALA B 32 -22.16 -21.60 4.93
N LEU B 33 -21.14 -21.16 4.20
CA LEU B 33 -19.96 -20.56 4.83
C LEU B 33 -20.35 -19.25 5.59
N GLY B 34 -21.16 -18.42 4.95
CA GLY B 34 -21.68 -17.19 5.56
C GLY B 34 -22.55 -17.48 6.77
N ALA B 35 -23.38 -18.54 6.71
CA ALA B 35 -24.21 -18.97 7.83
C ALA B 35 -23.36 -19.39 9.04
N GLU B 36 -22.12 -19.86 8.82
CA GLU B 36 -21.21 -20.17 9.91
C GLU B 36 -20.41 -18.95 10.42
N GLY B 37 -20.65 -17.77 9.86
CA GLY B 37 -19.93 -16.55 10.21
C GLY B 37 -18.49 -16.52 9.72
N ARG B 38 -18.19 -17.26 8.66
CA ARG B 38 -16.82 -17.36 8.17
C ARG B 38 -16.45 -16.41 7.02
N ALA B 39 -17.36 -15.50 6.63
CA ALA B 39 -17.05 -14.58 5.54
C ALA B 39 -16.90 -13.16 6.09
N LEU B 40 -15.84 -12.47 5.69
CA LEU B 40 -15.67 -11.07 6.07
C LEU B 40 -15.94 -10.28 4.78
N ALA B 41 -17.12 -9.65 4.67
CA ALA B 41 -17.49 -8.88 3.48
C ALA B 41 -16.60 -7.63 3.41
N PHE B 42 -16.09 -7.34 2.21
CA PHE B 42 -15.21 -6.18 2.06
C PHE B 42 -15.25 -5.66 0.66
N CYS B 43 -15.33 -4.34 0.51
CA CYS B 43 -15.24 -3.73 -0.82
C CYS B 43 -14.07 -2.74 -0.74
N PRO B 44 -12.95 -3.05 -1.40
CA PRO B 44 -11.79 -2.15 -1.36
C PRO B 44 -12.06 -0.73 -1.84
N GLU B 45 -12.93 -0.55 -2.84
CA GLU B 45 -13.18 0.79 -3.38
C GLU B 45 -13.95 1.63 -2.40
N VAL B 46 -15.01 1.06 -1.79
CA VAL B 46 -15.75 1.79 -0.77
C VAL B 46 -14.87 2.02 0.47
N ALA B 47 -14.13 1.00 0.90
CA ALA B 47 -13.23 1.15 2.06
C ALA B 47 -12.17 2.23 1.82
N GLY B 48 -11.72 2.34 0.57
CA GLY B 48 -10.72 3.32 0.16
C GLY B 48 -11.24 4.74 0.05
N GLY B 49 -12.55 4.95 0.22
CA GLY B 49 -13.15 6.28 0.20
C GLY B 49 -13.90 6.66 -1.05
N LEU B 50 -14.09 5.73 -2.01
CA LEU B 50 -14.82 6.03 -3.24
C LEU B 50 -16.33 5.90 -3.03
N PRO B 51 -17.13 6.70 -3.75
CA PRO B 51 -18.59 6.66 -3.53
C PRO B 51 -19.29 5.54 -4.32
N THR B 52 -20.60 5.38 -4.10
CA THR B 52 -21.40 4.42 -4.86
C THR B 52 -22.68 5.15 -5.25
N PRO B 53 -22.96 5.36 -6.55
CA PRO B 53 -22.17 4.96 -7.71
C PRO B 53 -20.86 5.74 -7.89
N ARG B 54 -20.03 5.25 -8.80
CA ARG B 54 -18.77 5.92 -9.12
C ARG B 54 -18.43 5.56 -10.58
N PRO B 55 -17.65 6.41 -11.28
CA PRO B 55 -17.28 6.09 -12.66
C PRO B 55 -16.42 4.81 -12.71
N PRO B 56 -16.49 4.07 -13.83
CA PRO B 56 -15.60 2.92 -13.98
C PRO B 56 -14.12 3.39 -14.01
N ALA B 57 -13.23 2.53 -13.55
CA ALA B 57 -11.80 2.84 -13.55
C ALA B 57 -11.03 1.63 -14.05
N GLU B 58 -9.83 1.88 -14.61
CA GLU B 58 -8.97 0.80 -15.10
C GLU B 58 -7.54 1.06 -14.65
N ARG B 59 -6.79 -0.02 -14.45
CA ARG B 59 -5.38 0.10 -14.13
C ARG B 59 -4.60 0.57 -15.36
N GLN B 60 -3.54 1.32 -15.13
CA GLN B 60 -2.55 1.71 -16.13
C GLN B 60 -1.25 1.50 -15.38
N GLY B 61 -0.82 0.25 -15.32
CA GLY B 61 0.35 -0.13 -14.54
C GLY B 61 -0.01 -0.03 -13.07
N GLU B 62 0.80 0.69 -12.27
CA GLU B 62 0.48 0.89 -10.85
C GLU B 62 -0.59 1.97 -10.64
N HIS B 63 -0.86 2.80 -11.64
CA HIS B 63 -1.89 3.84 -11.50
C HIS B 63 -3.27 3.23 -11.75
N VAL B 64 -4.31 3.89 -11.23
CA VAL B 64 -5.69 3.50 -11.49
C VAL B 64 -6.38 4.81 -11.84
N VAL B 65 -7.00 4.88 -13.01
CA VAL B 65 -7.62 6.12 -13.48
C VAL B 65 -9.04 5.90 -14.00
N THR B 66 -9.83 6.96 -14.05
CA THR B 66 -11.15 6.89 -14.68
C THR B 66 -10.95 7.31 -16.17
N GLU B 67 -11.99 7.12 -17.01
CA GLU B 67 -11.90 7.50 -18.43
C GLU B 67 -11.61 9.00 -18.61
N SER B 68 -12.09 9.83 -17.69
CA SER B 68 -11.84 11.28 -17.76
C SER B 68 -10.42 11.69 -17.35
N GLY B 69 -9.62 10.74 -16.87
CA GLY B 69 -8.24 11.01 -16.46
C GLY B 69 -8.05 11.24 -14.97
N LEU B 70 -9.11 11.16 -14.16
CA LEU B 70 -8.94 11.34 -12.73
C LEU B 70 -8.15 10.18 -12.13
N ASP B 71 -7.10 10.49 -11.36
CA ASP B 71 -6.27 9.45 -10.78
C ASP B 71 -6.81 9.04 -9.41
N VAL B 72 -7.30 7.79 -9.33
CA VAL B 72 -7.86 7.24 -8.10
C VAL B 72 -6.94 6.19 -7.45
N THR B 73 -5.64 6.18 -7.81
CA THR B 73 -4.70 5.21 -7.23
C THR B 73 -4.66 5.27 -5.71
N ALA B 74 -4.73 6.49 -5.12
CA ALA B 74 -4.68 6.67 -3.66
C ALA B 74 -5.78 5.84 -2.96
N GLU B 75 -7.02 5.90 -3.49
CA GLU B 75 -8.16 5.20 -2.92
C GLU B 75 -8.02 3.68 -3.14
N PHE B 76 -7.56 3.27 -4.31
CA PHE B 76 -7.37 1.85 -4.62
C PHE B 76 -6.30 1.24 -3.70
N ASP B 77 -5.18 1.97 -3.49
CA ASP B 77 -4.11 1.47 -2.63
C ASP B 77 -4.56 1.47 -1.17
N ARG B 78 -5.34 2.47 -0.75
CA ARG B 78 -5.84 2.51 0.63
C ARG B 78 -6.78 1.33 0.87
N GLY B 79 -7.67 1.06 -0.08
CA GLY B 79 -8.58 -0.08 0.02
C GLY B 79 -7.84 -1.40 0.10
N ALA B 80 -6.78 -1.55 -0.71
CA ALA B 80 -5.98 -2.77 -0.68
C ALA B 80 -5.30 -2.92 0.69
N GLU B 81 -4.74 -1.84 1.23
CA GLU B 81 -4.09 -1.88 2.54
C GLU B 81 -5.06 -2.22 3.64
N LEU B 82 -6.28 -1.70 3.55
CA LEU B 82 -7.33 -2.02 4.55
C LEU B 82 -7.73 -3.48 4.47
N ALA B 83 -7.80 -4.06 3.25
CA ALA B 83 -8.11 -5.48 3.07
C ALA B 83 -6.99 -6.31 3.77
N LEU B 84 -5.72 -5.93 3.54
CA LEU B 84 -4.61 -6.64 4.16
C LEU B 84 -4.67 -6.53 5.69
N GLY B 85 -4.98 -5.35 6.21
CA GLY B 85 -5.08 -5.10 7.64
C GLY B 85 -6.15 -5.95 8.30
N LEU B 86 -7.30 -6.10 7.62
CA LEU B 86 -8.39 -6.94 8.14
C LEU B 86 -7.97 -8.42 8.12
N CYS B 87 -7.29 -8.88 7.06
CA CYS B 87 -6.82 -10.26 6.97
C CYS B 87 -5.83 -10.56 8.08
N LEU B 88 -4.87 -9.66 8.29
CA LEU B 88 -3.86 -9.87 9.34
C LEU B 88 -4.51 -9.90 10.73
N ALA B 89 -5.45 -8.98 10.99
CA ALA B 89 -6.13 -8.95 12.29
C ALA B 89 -6.99 -10.21 12.53
N GLN B 90 -7.67 -10.67 11.51
CA GLN B 90 -8.58 -11.82 11.64
C GLN B 90 -7.92 -13.19 11.38
N GLY B 91 -6.64 -13.21 11.02
CA GLY B 91 -5.96 -14.46 10.69
C GLY B 91 -6.49 -15.08 9.40
N ILE B 92 -6.88 -14.23 8.45
CA ILE B 92 -7.40 -14.69 7.18
C ILE B 92 -6.26 -14.91 6.20
N ARG B 93 -6.22 -16.09 5.58
CA ARG B 93 -5.21 -16.44 4.58
C ARG B 93 -5.79 -16.77 3.21
N PHE B 94 -7.11 -16.58 3.02
CA PHE B 94 -7.78 -16.89 1.77
C PHE B 94 -8.76 -15.78 1.43
N ALA B 95 -8.87 -15.43 0.14
CA ALA B 95 -9.77 -14.40 -0.32
C ALA B 95 -10.58 -14.92 -1.51
N LEU B 96 -11.86 -14.52 -1.55
CA LEU B 96 -12.74 -14.82 -2.68
C LEU B 96 -13.10 -13.47 -3.25
N LEU B 97 -12.44 -13.08 -4.34
CA LEU B 97 -12.63 -11.75 -4.90
C LEU B 97 -13.23 -11.78 -6.30
N LYS B 98 -13.95 -10.71 -6.67
CA LYS B 98 -14.64 -10.56 -7.94
C LYS B 98 -13.70 -10.45 -9.13
N GLU B 99 -13.89 -11.33 -10.10
CA GLU B 99 -13.06 -11.34 -11.31
C GLU B 99 -13.22 -10.08 -12.19
N GLY B 100 -12.15 -9.67 -12.83
CA GLY B 100 -12.13 -8.55 -13.79
C GLY B 100 -11.97 -7.15 -13.25
N SER B 101 -12.13 -7.00 -11.93
CA SER B 101 -12.10 -5.68 -11.29
C SER B 101 -10.71 -5.07 -11.15
N PRO B 102 -10.57 -3.74 -11.27
CA PRO B 102 -9.25 -3.11 -11.07
C PRO B 102 -8.75 -3.22 -9.60
N SER B 103 -9.66 -3.59 -8.65
N SER B 103 -9.58 -3.72 -8.70
CA SER B 103 -9.34 -3.87 -7.26
CA SER B 103 -9.22 -3.94 -7.32
C SER B 103 -9.25 -5.40 -7.04
C SER B 103 -9.23 -5.45 -7.02
N CYS B 104 -10.33 -6.12 -7.39
CA CYS B 104 -10.55 -7.53 -7.04
C CYS B 104 -10.21 -8.59 -8.08
N GLY B 105 -9.91 -8.18 -9.31
CA GLY B 105 -9.56 -9.14 -10.37
C GLY B 105 -8.38 -10.01 -9.98
N SER B 106 -8.38 -11.28 -10.38
CA SER B 106 -7.28 -12.18 -10.01
C SER B 106 -6.66 -12.89 -11.21
N GLY B 107 -7.45 -13.13 -12.24
CA GLY B 107 -6.97 -13.72 -13.49
C GLY B 107 -7.04 -12.74 -14.65
N ARG B 108 -7.98 -11.76 -14.59
CA ARG B 108 -8.11 -10.79 -15.66
C ARG B 108 -8.52 -9.43 -15.15
N ILE B 109 -8.14 -8.39 -15.91
CA ILE B 109 -8.51 -7.00 -15.68
C ILE B 109 -8.71 -6.32 -17.04
N TYR B 110 -9.40 -5.17 -17.06
CA TYR B 110 -9.50 -4.37 -18.28
C TYR B 110 -8.13 -3.74 -18.56
N ASN B 111 -7.81 -3.56 -19.84
CA ASN B 111 -6.45 -3.19 -20.27
C ASN B 111 -6.02 -1.73 -20.12
N GLY B 112 -6.82 -0.88 -19.49
CA GLY B 112 -6.44 0.52 -19.30
C GLY B 112 -6.72 1.45 -20.48
N ARG B 113 -7.24 0.90 -21.58
CA ARG B 113 -7.57 1.71 -22.76
C ARG B 113 -9.04 2.09 -22.86
N PHE B 114 -9.89 1.68 -21.89
CA PHE B 114 -11.31 1.99 -21.85
C PHE B 114 -12.01 1.60 -23.17
N GLU B 115 -11.77 0.37 -23.60
CA GLU B 115 -12.33 -0.13 -24.85
C GLU B 115 -13.00 -1.52 -24.70
N GLY B 116 -13.34 -1.90 -23.47
CA GLY B 116 -13.98 -3.18 -23.16
C GLY B 116 -13.11 -4.39 -23.43
N VAL B 117 -11.78 -4.21 -23.42
CA VAL B 117 -10.86 -5.30 -23.70
C VAL B 117 -10.17 -5.78 -22.42
N SER B 118 -10.32 -7.07 -22.12
CA SER B 118 -9.68 -7.64 -20.95
CA SER B 118 -9.68 -7.66 -20.95
C SER B 118 -8.33 -8.25 -21.31
N MET B 119 -7.47 -8.40 -20.31
CA MET B 119 -6.15 -9.00 -20.47
C MET B 119 -5.83 -9.77 -19.20
N ALA B 120 -4.80 -10.62 -19.23
CA ALA B 120 -4.38 -11.35 -18.04
C ALA B 120 -3.79 -10.34 -17.05
N GLY B 121 -4.17 -10.48 -15.78
CA GLY B 121 -3.66 -9.59 -14.75
C GLY B 121 -4.44 -9.68 -13.46
N GLU B 122 -4.17 -8.75 -12.55
CA GLU B 122 -4.84 -8.74 -11.25
C GLU B 122 -5.13 -7.33 -10.77
N GLY B 123 -6.13 -7.20 -9.94
CA GLY B 123 -6.48 -5.91 -9.35
C GLY B 123 -5.50 -5.55 -8.26
N LYS B 124 -5.53 -4.30 -7.80
CA LYS B 124 -4.60 -3.83 -6.78
C LYS B 124 -4.75 -4.55 -5.42
N THR B 125 -6.00 -4.88 -5.03
CA THR B 125 -6.21 -5.58 -3.76
C THR B 125 -5.67 -7.01 -3.88
N THR B 126 -6.02 -7.71 -4.97
CA THR B 126 -5.49 -9.08 -5.20
C THR B 126 -3.97 -9.08 -5.19
N ALA B 127 -3.35 -8.11 -5.88
CA ALA B 127 -1.89 -8.04 -5.97
C ALA B 127 -1.24 -7.89 -4.58
N LEU B 128 -1.79 -7.00 -3.73
CA LEU B 128 -1.23 -6.80 -2.41
C LEU B 128 -1.42 -8.03 -1.51
N LEU B 129 -2.61 -8.63 -1.52
CA LEU B 129 -2.86 -9.82 -0.72
C LEU B 129 -1.95 -10.96 -1.13
N ARG B 130 -1.78 -11.20 -2.43
CA ARG B 130 -0.88 -12.27 -2.93
C ARG B 130 0.57 -12.00 -2.53
N ARG B 131 1.02 -10.73 -2.58
CA ARG B 131 2.37 -10.37 -2.13
C ARG B 131 2.61 -10.71 -0.65
N HIS B 132 1.54 -10.74 0.16
CA HIS B 132 1.64 -11.06 1.57
C HIS B 132 1.22 -12.49 1.91
N GLY B 133 1.23 -13.39 0.93
CA GLY B 133 0.97 -14.80 1.17
C GLY B 133 -0.48 -15.22 1.27
N ILE B 134 -1.42 -14.32 1.00
CA ILE B 134 -2.84 -14.66 1.02
C ILE B 134 -3.25 -15.20 -0.34
N GLN B 135 -3.91 -16.36 -0.36
CA GLN B 135 -4.31 -16.97 -1.64
C GLN B 135 -5.62 -16.36 -2.08
N VAL B 136 -5.67 -15.88 -3.32
CA VAL B 136 -6.87 -15.26 -3.86
C VAL B 136 -7.50 -16.13 -4.94
N PHE B 137 -8.80 -16.36 -4.82
CA PHE B 137 -9.59 -17.12 -5.77
C PHE B 137 -10.72 -16.25 -6.27
N SER B 138 -11.17 -16.48 -7.51
CA SER B 138 -12.32 -15.74 -8.05
C SER B 138 -13.62 -16.57 -7.86
N GLU B 139 -14.77 -15.98 -8.24
CA GLU B 139 -16.06 -16.68 -8.19
C GLU B 139 -16.13 -17.85 -9.21
N ASP B 140 -15.17 -17.94 -10.16
CA ASP B 140 -15.04 -19.04 -11.12
C ASP B 140 -14.19 -20.20 -10.54
N GLN B 141 -13.71 -20.08 -9.29
CA GLN B 141 -12.84 -21.07 -8.66
C GLN B 141 -13.37 -21.51 -7.30
N LEU B 142 -14.70 -21.59 -7.13
CA LEU B 142 -15.27 -22.00 -5.84
C LEU B 142 -14.82 -23.43 -5.41
N PRO B 143 -14.79 -24.45 -6.29
CA PRO B 143 -14.33 -25.79 -5.85
C PRO B 143 -12.87 -25.76 -5.39
N GLU B 144 -12.02 -25.03 -6.14
CA GLU B 144 -10.59 -24.91 -5.83
C GLU B 144 -10.42 -24.23 -4.47
N LEU B 145 -11.20 -23.17 -4.22
CA LEU B 145 -11.13 -22.47 -2.94
C LEU B 145 -11.57 -23.39 -1.78
N ALA B 146 -12.72 -24.08 -1.95
CA ALA B 146 -13.22 -25.01 -0.93
C ALA B 146 -12.15 -26.09 -0.59
N LEU B 147 -11.45 -26.61 -1.60
CA LEU B 147 -10.39 -27.62 -1.39
C LEU B 147 -9.20 -27.02 -0.64
N ALA B 148 -8.77 -25.82 -1.06
CA ALA B 148 -7.64 -25.15 -0.41
C ALA B 148 -7.90 -24.88 1.04
N LEU B 149 -9.15 -24.54 1.40
CA LEU B 149 -9.54 -24.30 2.80
C LEU B 149 -9.45 -25.58 3.62
N SER B 150 -9.81 -26.73 3.03
CA SER B 150 -9.82 -28.02 3.72
C SER B 150 -8.43 -28.58 3.97
N LEU B 151 -7.47 -28.25 3.10
CA LEU B 151 -6.11 -28.77 3.25
C LEU B 151 -5.37 -28.23 4.47
N VAL B 152 -5.73 -27.03 4.93
CA VAL B 152 -5.12 -26.41 6.10
C VAL B 152 -5.47 -27.19 7.37
#